data_9J1N
#
_entry.id   9J1N
#
_cell.length_a   33.290
_cell.length_b   53.810
_cell.length_c   100.250
_cell.angle_alpha   90.00
_cell.angle_beta   90.00
_cell.angle_gamma   90.00
#
_symmetry.space_group_name_H-M   'P 21 21 21'
#
loop_
_entity.id
_entity.type
_entity.pdbx_description
1 polymer "DNA (5'-D(*(3D1)P*TP*GP*AP*AP*AP*AP*GP*AP*GP*AP*AP*TP*TP*GP*G)-3')"
2 polymer "DNA (5'-D(*(THM)P*CP*CP*AP*AP*TP*TP*CP*TP*CP*TP*TP*TP*TP*CP*A)-3')"
3 polymer 'Transcription factor Spi-B'
4 non-polymer (2R,3S,5R)-5-(6-amino-9H-purin-9-yl)-tetrahydro-2-(hydroxymethyl)furan-3-ol
5 non-polymer THYMIDINE
6 water water
#
loop_
_entity_poly.entity_id
_entity_poly.type
_entity_poly.pdbx_seq_one_letter_code
_entity_poly.pdbx_strand_id
1 'polydeoxyribonucleotide' (DT)(DG)(DA)(DA)(DA)(DA)(DG)(DA)(DG)(DA)(DA)(DT)(DT)(DG)(DG) A
2 'polydeoxyribonucleotide' (DC)(DC)(DA)(DA)(DT)(DT)(DC)(DT)(DC)(DT)(DT)(DT)(DT)(DC)(DA) B
3 'polypeptide(L)'
;GSRGSEAGARKKLRLYQFLLGLLLRGDMRECVWWVEPGAGVFQFSSKHKELLARRWGQQKGNRKRMTYQKLARALRNYAK
TGEIRKVKRKLTYQFDSALLPASRHV
;
C
#
loop_
_chem_comp.id
_chem_comp.type
_chem_comp.name
_chem_comp.formula
3D1 non-polymer (2R,3S,5R)-5-(6-amino-9H-purin-9-yl)-tetrahydro-2-(hydroxymethyl)furan-3-ol 'C10 H13 N5 O3'
DA DNA linking 2'-DEOXYADENOSINE-5'-MONOPHOSPHATE 'C10 H14 N5 O6 P'
DC DNA linking 2'-DEOXYCYTIDINE-5'-MONOPHOSPHATE 'C9 H14 N3 O7 P'
DG DNA linking 2'-DEOXYGUANOSINE-5'-MONOPHOSPHATE 'C10 H14 N5 O7 P'
DT DNA linking THYMIDINE-5'-MONOPHOSPHATE 'C10 H15 N2 O8 P'
THM DNA OH 5 prime terminus THYMIDINE 'C10 H14 N2 O5'
#
# COMPACT_ATOMS: atom_id res chain seq x y z
N ALA C 9 16.86 -11.30 16.28
CA ALA C 9 16.27 -11.11 14.96
C ALA C 9 15.16 -10.07 15.00
N ARG C 10 15.39 -8.95 14.33
CA ARG C 10 14.41 -7.86 14.32
C ARG C 10 13.30 -8.12 13.30
N LYS C 11 12.17 -7.47 13.55
CA LYS C 11 10.99 -7.56 12.69
C LYS C 11 10.84 -6.28 11.89
N LYS C 12 10.36 -6.41 10.65
CA LYS C 12 10.11 -5.27 9.80
C LYS C 12 8.69 -5.34 9.26
N LEU C 13 8.11 -4.18 8.97
CA LEU C 13 6.74 -4.12 8.50
C LEU C 13 6.58 -4.89 7.19
N ARG C 14 5.38 -5.42 6.98
CA ARG C 14 4.98 -5.93 5.68
C ARG C 14 4.31 -4.82 4.89
N LEU C 15 4.40 -4.92 3.56
CA LEU C 15 3.87 -3.86 2.70
C LEU C 15 2.40 -3.58 3.00
N TYR C 16 1.60 -4.63 3.18
CA TYR C 16 0.17 -4.41 3.41
C TYR C 16 -0.06 -3.77 4.78
N GLN C 17 0.79 -4.08 5.75
CA GLN C 17 0.70 -3.43 7.05
C GLN C 17 1.06 -1.96 6.94
N PHE C 18 2.16 -1.66 6.26
CA PHE C 18 2.57 -0.27 6.05
C PHE C 18 1.45 0.53 5.39
N LEU C 19 0.92 0.02 4.28
CA LEU C 19 -0.15 0.72 3.56
C LEU C 19 -1.38 0.90 4.43
N LEU C 20 -1.89 -0.20 5.00
CA LEU C 20 -3.09 -0.12 5.84
C LEU C 20 -2.89 0.86 6.99
N GLY C 21 -1.71 0.85 7.61
CA GLY C 21 -1.45 1.78 8.70
C GLY C 21 -1.50 3.24 8.24
N LEU C 22 -0.96 3.53 7.06
CA LEU C 22 -1.05 4.88 6.52
C LEU C 22 -2.51 5.32 6.34
N LEU C 23 -3.36 4.41 5.89
CA LEU C 23 -4.74 4.78 5.62
C LEU C 23 -5.53 4.99 6.90
N LEU C 24 -5.30 4.13 7.90
CA LEU C 24 -6.09 4.22 9.13
C LEU C 24 -5.72 5.46 9.93
N ARG C 25 -4.43 5.79 9.98
CA ARG C 25 -3.99 6.97 10.74
C ARG C 25 -4.17 8.27 9.98
N GLY C 26 -4.42 8.22 8.68
CA GLY C 26 -4.56 9.43 7.89
C GLY C 26 -3.25 10.06 7.50
N ASP C 27 -2.18 9.28 7.41
CA ASP C 27 -0.88 9.79 6.99
C ASP C 27 -0.80 9.78 5.47
N MET C 28 -0.05 10.75 4.93
CA MET C 28 0.23 10.85 3.50
C MET C 28 -1.05 10.72 2.68
N ARG C 29 -2.07 11.49 3.07
CA ARG C 29 -3.35 11.44 2.36
C ARG C 29 -3.24 11.97 0.94
N GLU C 30 -2.25 12.85 0.69
CA GLU C 30 -1.98 13.29 -0.67
C GLU C 30 -1.33 12.21 -1.52
N CYS C 31 -0.96 11.07 -0.92
CA CYS C 31 -0.29 9.99 -1.63
C CYS C 31 -1.17 8.77 -1.80
N VAL C 32 -2.02 8.46 -0.81
CA VAL C 32 -2.91 7.32 -0.86
C VAL C 32 -4.13 7.61 0.02
N TRP C 33 -5.27 7.07 -0.36
CA TRP C 33 -6.53 7.36 0.31
C TRP C 33 -7.48 6.21 0.07
N TRP C 34 -8.56 6.18 0.86
CA TRP C 34 -9.66 5.26 0.59
C TRP C 34 -10.52 5.77 -0.57
N VAL C 35 -10.99 4.84 -1.39
CA VAL C 35 -12.04 5.11 -2.36
C VAL C 35 -13.39 4.63 -1.85
N GLU C 36 -13.42 3.45 -1.25
CA GLU C 36 -14.61 2.90 -0.58
C GLU C 36 -14.14 2.30 0.73
N PRO C 37 -14.12 3.10 1.81
CA PRO C 37 -13.57 2.58 3.08
C PRO C 37 -14.27 1.34 3.58
N GLY C 38 -15.58 1.22 3.36
CA GLY C 38 -16.28 0.03 3.79
C GLY C 38 -15.85 -1.23 3.06
N ALA C 39 -15.43 -1.09 1.80
CA ALA C 39 -14.98 -2.21 0.99
C ALA C 39 -13.47 -2.39 1.00
N GLY C 40 -12.74 -1.54 1.71
CA GLY C 40 -11.29 -1.66 1.74
C GLY C 40 -10.61 -1.31 0.44
N VAL C 41 -11.22 -0.46 -0.38
CA VAL C 41 -10.69 -0.11 -1.69
C VAL C 41 -9.95 1.22 -1.57
N PHE C 42 -8.68 1.23 -2.00
CA PHE C 42 -7.83 2.40 -1.87
C PHE C 42 -7.08 2.64 -3.17
N GLN C 43 -6.66 3.89 -3.37
CA GLN C 43 -6.04 4.33 -4.61
C GLN C 43 -4.82 5.18 -4.30
N PHE C 44 -3.78 5.04 -5.12
CA PHE C 44 -2.59 5.87 -5.00
C PHE C 44 -2.72 7.11 -5.88
N SER C 45 -2.03 8.17 -5.47
CA SER C 45 -2.03 9.42 -6.23
C SER C 45 -1.08 9.32 -7.41
N SER C 46 -1.58 9.66 -8.60
CA SER C 46 -0.76 9.57 -9.80
C SER C 46 0.54 10.37 -9.66
N LYS C 47 0.44 11.62 -9.22
CA LYS C 47 1.61 12.51 -9.18
C LYS C 47 2.44 12.35 -7.91
N HIS C 48 1.85 11.96 -6.79
CA HIS C 48 2.54 11.99 -5.51
C HIS C 48 2.84 10.60 -4.94
N LYS C 49 2.67 9.54 -5.72
CA LYS C 49 2.89 8.20 -5.18
C LYS C 49 4.37 7.92 -4.94
N GLU C 50 5.27 8.54 -5.72
CA GLU C 50 6.69 8.31 -5.51
C GLU C 50 7.14 8.71 -4.12
N LEU C 51 6.52 9.75 -3.55
CA LEU C 51 6.83 10.15 -2.18
C LEU C 51 6.57 9.01 -1.21
N LEU C 52 5.43 8.33 -1.36
CA LEU C 52 5.09 7.21 -0.48
C LEU C 52 6.05 6.04 -0.67
N ALA C 53 6.36 5.71 -1.93
CA ALA C 53 7.24 4.57 -2.20
C ALA C 53 8.60 4.76 -1.54
N ARG C 54 9.19 5.96 -1.68
CA ARG C 54 10.49 6.21 -1.08
C ARG C 54 10.42 6.18 0.44
N ARG C 55 9.28 6.54 1.02
CA ARG C 55 9.11 6.42 2.46
C ARG C 55 9.10 4.95 2.87
N TRP C 56 8.44 4.11 2.08
CA TRP C 56 8.49 2.66 2.30
C TRP C 56 9.91 2.14 2.25
N GLY C 57 10.72 2.64 1.32
CA GLY C 57 12.09 2.15 1.19
C GLY C 57 13.01 2.62 2.30
N GLN C 58 12.76 3.83 2.82
CA GLN C 58 13.56 4.31 3.95
C GLN C 58 13.27 3.51 5.21
N GLN C 59 12.00 3.21 5.47
CA GLN C 59 11.65 2.45 6.67
C GLN C 59 12.19 1.04 6.59
N LYS C 60 12.14 0.41 5.41
CA LYS C 60 12.69 -0.93 5.26
C LYS C 60 14.21 -0.95 5.31
N GLY C 61 14.86 0.17 5.01
CA GLY C 61 16.32 0.21 5.02
C GLY C 61 16.96 -0.37 3.79
N ASN C 62 16.27 -0.33 2.65
CA ASN C 62 16.76 -0.97 1.44
C ASN C 62 17.95 -0.21 0.86
N ARG C 63 18.72 -0.92 0.02
CA ARG C 63 19.95 -0.34 -0.53
C ARG C 63 19.65 0.70 -1.60
N LYS C 64 18.71 0.41 -2.49
CA LYS C 64 18.33 1.33 -3.57
C LYS C 64 17.11 2.14 -3.16
N ARG C 65 16.92 3.26 -3.85
CA ARG C 65 15.74 4.09 -3.63
C ARG C 65 14.51 3.33 -4.11
N MET C 66 13.49 3.27 -3.24
CA MET C 66 12.25 2.57 -3.59
C MET C 66 11.40 3.41 -4.53
N THR C 67 10.81 2.74 -5.52
CA THR C 67 9.97 3.37 -6.52
C THR C 67 8.61 2.68 -6.54
N TYR C 68 7.63 3.35 -7.15
CA TYR C 68 6.29 2.76 -7.21
C TYR C 68 6.27 1.51 -8.06
N GLN C 69 7.06 1.49 -9.15
CA GLN C 69 7.16 0.29 -9.96
C GLN C 69 7.54 -0.93 -9.13
N LYS C 70 8.56 -0.77 -8.27
CA LYS C 70 8.97 -1.88 -7.42
C LYS C 70 7.97 -2.15 -6.31
N LEU C 71 7.33 -1.10 -5.77
CA LEU C 71 6.28 -1.32 -4.77
C LEU C 71 5.07 -2.02 -5.39
N ALA C 72 4.68 -1.63 -6.60
CA ALA C 72 3.57 -2.29 -7.26
C ALA C 72 3.92 -3.74 -7.60
N ARG C 73 5.16 -3.99 -8.00
CA ARG C 73 5.63 -5.35 -8.22
C ARG C 73 5.42 -6.22 -6.98
N ALA C 74 5.76 -5.69 -5.80
CA ALA C 74 5.55 -6.44 -4.57
C ALA C 74 4.07 -6.62 -4.28
N LEU C 75 3.23 -5.64 -4.61
CA LEU C 75 1.80 -5.76 -4.34
C LEU C 75 1.17 -6.90 -5.14
N ARG C 76 1.62 -7.10 -6.38
CA ARG C 76 1.05 -8.15 -7.20
C ARG C 76 1.26 -9.54 -6.60
N ASN C 77 2.36 -9.73 -5.87
CA ASN C 77 2.62 -11.03 -5.23
C ASN C 77 1.54 -11.39 -4.21
N TYR C 78 0.90 -10.39 -3.60
CA TYR C 78 -0.19 -10.65 -2.66
C TYR C 78 -1.36 -11.39 -3.30
N ALA C 79 -1.42 -11.49 -4.62
CA ALA C 79 -2.50 -12.24 -5.27
C ALA C 79 -2.44 -13.72 -4.91
N LYS C 80 -1.24 -14.25 -4.66
CA LYS C 80 -1.10 -15.64 -4.24
C LYS C 80 -1.75 -15.89 -2.89
N THR C 81 -1.68 -14.90 -1.99
CA THR C 81 -2.11 -15.08 -0.61
C THR C 81 -3.31 -14.22 -0.23
N GLY C 82 -3.74 -13.29 -1.06
CA GLY C 82 -5.02 -12.63 -0.90
C GLY C 82 -5.05 -11.41 0.01
N GLU C 83 -3.90 -10.93 0.48
CA GLU C 83 -3.90 -9.74 1.34
C GLU C 83 -4.43 -8.52 0.57
N ILE C 84 -3.93 -8.32 -0.64
CA ILE C 84 -4.34 -7.20 -1.49
C ILE C 84 -4.49 -7.71 -2.92
N ARG C 85 -5.57 -7.31 -3.58
CA ARG C 85 -5.69 -7.53 -5.02
C ARG C 85 -5.76 -6.20 -5.76
N LYS C 86 -5.33 -6.22 -7.01
CA LYS C 86 -5.49 -5.08 -7.89
C LYS C 86 -6.96 -4.91 -8.28
N VAL C 87 -7.43 -3.67 -8.23
CA VAL C 87 -8.77 -3.37 -8.72
C VAL C 87 -8.64 -2.86 -10.15
N LYS C 88 -9.66 -3.13 -10.96
CA LYS C 88 -9.66 -2.72 -12.36
C LYS C 88 -9.95 -1.22 -12.52
N ARG C 89 -9.16 -0.41 -11.82
CA ARG C 89 -9.23 1.03 -11.82
C ARG C 89 -7.83 1.54 -11.59
N LYS C 90 -7.50 2.68 -12.18
CA LYS C 90 -6.13 3.19 -12.16
C LYS C 90 -5.59 3.30 -10.73
N LEU C 91 -4.40 2.72 -10.53
CA LEU C 91 -3.68 2.76 -9.25
C LEU C 91 -4.54 2.35 -8.06
N THR C 92 -5.54 1.50 -8.29
CA THR C 92 -6.52 1.16 -7.27
C THR C 92 -6.36 -0.28 -6.82
N TYR C 93 -6.48 -0.52 -5.52
CA TYR C 93 -6.29 -1.83 -4.92
C TYR C 93 -7.37 -2.05 -3.87
N GLN C 94 -7.43 -3.27 -3.33
CA GLN C 94 -8.45 -3.64 -2.35
C GLN C 94 -7.85 -4.56 -1.31
N PHE C 95 -7.89 -4.14 -0.04
CA PHE C 95 -7.56 -5.03 1.06
C PHE C 95 -8.61 -6.12 1.18
N ASP C 96 -8.17 -7.32 1.60
CA ASP C 96 -9.12 -8.34 1.98
C ASP C 96 -9.92 -7.89 3.20
N SER C 97 -11.16 -8.39 3.32
CA SER C 97 -12.02 -7.98 4.42
C SER C 97 -11.48 -8.41 5.78
N ALA C 98 -10.64 -9.44 5.82
CA ALA C 98 -10.07 -9.89 7.09
C ALA C 98 -9.17 -8.83 7.73
N LEU C 99 -8.73 -7.83 6.97
CA LEU C 99 -7.88 -6.77 7.48
C LEU C 99 -8.65 -5.48 7.78
N LEU C 100 -9.97 -5.55 7.83
CA LEU C 100 -10.81 -4.36 7.99
C LEU C 100 -11.76 -4.56 9.16
N PRO C 101 -12.25 -3.47 9.75
CA PRO C 101 -13.28 -3.58 10.80
C PRO C 101 -14.60 -4.13 10.26
N ALA C 102 -15.65 -4.04 11.07
CA ALA C 102 -16.96 -4.54 10.67
C ALA C 102 -17.66 -3.54 9.75
O5' 3D1 D . -3.38 14.39 -34.37
C5' 3D1 D . -2.56 13.24 -34.49
C4' 3D1 D . -1.21 13.47 -33.87
O4' 3D1 D . -1.38 13.74 -32.46
C1' 3D1 D . -1.03 12.57 -31.71
N9 3D1 D . -2.09 12.33 -30.73
C4 3D1 D . -3.28 11.65 -30.89
N3 3D1 D . -3.74 11.04 -31.99
C2 3D1 D . -4.92 10.48 -31.79
N1 3D1 D . -5.67 10.47 -30.66
C6 3D1 D . -5.18 11.10 -29.57
N6 3D1 D . -5.92 11.08 -28.45
C5 3D1 D . -3.93 11.73 -29.67
N7 3D1 D . -3.16 12.44 -28.76
C8 3D1 D . -2.09 12.78 -29.43
C2' 3D1 D . -0.80 11.47 -32.73
C3' 3D1 D . -0.28 12.26 -33.92
O3' 3D1 D . 1.05 12.72 -33.69
O5' THM E . 16.78 -25.53 6.88
C5' THM E . 16.75 -25.48 5.47
C4' THM E . 15.79 -24.42 4.97
O4' THM E . 16.11 -23.16 5.59
C3' THM E . 15.86 -24.17 3.46
O3' THM E . 14.65 -23.58 3.00
C2' THM E . 16.88 -23.05 3.41
C1' THM E . 16.35 -22.21 4.57
N1 THM E . 17.30 -21.19 5.08
C2 THM E . 16.83 -20.31 6.03
O2 THM E . 15.70 -20.36 6.50
N3 THM E . 17.76 -19.39 6.46
C4 THM E . 19.06 -19.24 6.01
O4 THM E . 19.78 -18.36 6.49
C5 THM E . 19.47 -20.19 5.00
C5M THM E . 20.87 -20.11 4.46
C6 THM E . 18.58 -21.10 4.58
#